data_3HIM
#
_entry.id   3HIM
#
_cell.length_a   62.053
_cell.length_b   63.042
_cell.length_c   94.766
_cell.angle_alpha   90.000
_cell.angle_beta   90.000
_cell.angle_gamma   90.000
#
_symmetry.space_group_name_H-M   'P 21 21 21'
#
loop_
_entity.id
_entity.type
_entity.pdbx_description
1 polymer 'Probable transcriptional regulator'
2 water water
#
_entity_poly.entity_id   1
_entity_poly.type   'polypeptide(L)'
_entity_poly.pdbx_seq_one_letter_code
;MDASLTGAVAELGTSKAAARIRAAAIEVFAAKGYGATTTREIAASLDMSPGAVYPHYKTKESLLYAISLEGHHSVLAAIT
AADFPDIAAPDRLMSTVTAYVTWHADNRASARVGQYELRSLSPEHFAIIADIRRSTTKVFTRIIEAGATAGDFHPFDIEA
AALAITSLGIDVSRWFPSHTYSDPRIIAARYVELALRMVGCADRQPLDKPS
;
_entity_poly.pdbx_strand_id   A,B
#
# COMPACT_ATOMS: atom_id res chain seq x y z
N THR A 14 -9.36 -25.50 15.52
CA THR A 14 -7.91 -25.47 15.90
C THR A 14 -7.13 -26.76 15.57
N SER A 15 -6.75 -26.89 14.30
CA SER A 15 -6.03 -28.05 13.80
C SER A 15 -4.57 -27.73 13.54
N LYS A 16 -3.70 -28.58 14.06
CA LYS A 16 -2.26 -28.46 13.86
C LYS A 16 -1.88 -28.49 12.37
N ALA A 17 -2.46 -29.44 11.64
CA ALA A 17 -2.16 -29.57 10.22
C ALA A 17 -2.60 -28.32 9.43
N ALA A 18 -3.78 -27.81 9.73
CA ALA A 18 -4.32 -26.62 9.06
C ALA A 18 -3.46 -25.40 9.39
N ALA A 19 -3.08 -25.28 10.66
CA ALA A 19 -2.23 -24.17 11.13
C ALA A 19 -0.89 -24.16 10.43
N ARG A 20 -0.28 -25.34 10.25
CA ARG A 20 0.99 -25.43 9.49
C ARG A 20 0.83 -25.08 8.03
N ILE A 21 -0.29 -25.47 7.44
CA ILE A 21 -0.55 -25.13 6.05
C ILE A 21 -0.62 -23.61 5.90
N ARG A 22 -1.36 -22.95 6.81
CA ARG A 22 -1.46 -21.51 6.79
C ARG A 22 -0.11 -20.84 6.90
N ALA A 23 0.71 -21.28 7.87
CA ALA A 23 2.05 -20.72 8.09
C ALA A 23 2.93 -20.85 6.86
N ALA A 24 2.97 -22.06 6.30
CA ALA A 24 3.75 -22.31 5.08
C ALA A 24 3.20 -21.49 3.90
N ALA A 25 1.88 -21.43 3.76
CA ALA A 25 1.28 -20.65 2.66
C ALA A 25 1.66 -19.17 2.73
N ILE A 26 1.59 -18.59 3.94
CA ILE A 26 2.00 -17.20 4.17
C ILE A 26 3.37 -16.92 3.55
N GLU A 27 4.31 -17.83 3.78
CA GLU A 27 5.67 -17.60 3.33
C GLU A 27 5.82 -17.76 1.82
N VAL A 28 5.20 -18.80 1.25
CA VAL A 28 5.22 -19.02 -0.19
C VAL A 28 4.45 -17.91 -0.92
N PHE A 29 3.27 -17.58 -0.41
CA PHE A 29 2.45 -16.51 -0.99
C PHE A 29 3.22 -15.18 -0.97
N ALA A 30 3.83 -14.85 0.18
CA ALA A 30 4.65 -13.65 0.28
C ALA A 30 5.86 -13.69 -0.66
N ALA A 31 6.50 -14.86 -0.79
CA ALA A 31 7.69 -15.01 -1.65
C ALA A 31 7.43 -15.08 -3.16
N LYS A 32 6.51 -15.95 -3.58
CA LYS A 32 6.23 -16.17 -5.02
C LYS A 32 5.03 -15.35 -5.54
N GLY A 33 4.26 -14.75 -4.64
CA GLY A 33 3.01 -14.12 -5.01
C GLY A 33 1.93 -15.17 -4.96
N TYR A 34 0.72 -14.75 -4.58
CA TYR A 34 -0.39 -15.67 -4.39
C TYR A 34 -0.82 -16.39 -5.68
N GLY A 35 -0.98 -15.65 -6.78
CA GLY A 35 -1.43 -16.24 -8.05
C GLY A 35 -0.47 -17.28 -8.60
N ALA A 36 0.81 -17.05 -8.33
CA ALA A 36 1.93 -17.88 -8.79
C ALA A 36 2.16 -19.18 -7.99
N THR A 37 1.43 -19.38 -6.90
CA THR A 37 1.65 -20.62 -6.14
C THR A 37 0.42 -21.50 -6.19
N THR A 38 0.64 -22.82 -6.12
CA THR A 38 -0.45 -23.80 -6.07
C THR A 38 -0.45 -24.42 -4.70
N THR A 39 -1.56 -25.05 -4.32
CA THR A 39 -1.66 -25.72 -3.05
C THR A 39 -0.76 -26.95 -3.04
N ARG A 40 -0.50 -27.49 -4.23
CA ARG A 40 0.48 -28.57 -4.45
C ARG A 40 1.87 -28.18 -3.95
N GLU A 41 2.33 -26.99 -4.34
CA GLU A 41 3.63 -26.48 -3.90
C GLU A 41 3.66 -26.24 -2.39
N ILE A 42 2.54 -25.74 -1.84
CA ILE A 42 2.41 -25.57 -0.39
C ILE A 42 2.45 -26.94 0.32
N ALA A 43 1.82 -27.96 -0.24
CA ALA A 43 1.92 -29.33 0.30
C ALA A 43 3.37 -29.83 0.16
N ALA A 44 3.96 -29.58 -1.01
CA ALA A 44 5.36 -29.90 -1.26
C ALA A 44 6.29 -29.26 -0.23
N SER A 45 6.08 -27.99 0.07
CA SER A 45 6.95 -27.26 0.99
C SER A 45 6.91 -27.85 2.40
N LEU A 46 5.78 -28.44 2.79
CA LEU A 46 5.70 -29.11 4.10
C LEU A 46 5.97 -30.62 4.00
N ASP A 47 6.34 -31.07 2.79
CA ASP A 47 6.47 -32.49 2.50
C ASP A 47 5.26 -33.30 2.97
N MET A 48 4.08 -32.68 2.95
CA MET A 48 2.83 -33.41 3.18
C MET A 48 2.48 -34.15 1.88
N SER A 49 1.89 -35.33 2.04
CA SER A 49 1.46 -36.17 0.92
C SER A 49 0.36 -35.53 0.08
N PRO A 50 0.22 -35.99 -1.18
CA PRO A 50 -0.78 -35.33 -2.04
C PRO A 50 -2.17 -35.42 -1.42
N GLY A 51 -2.95 -34.34 -1.48
CA GLY A 51 -4.33 -34.38 -0.99
C GLY A 51 -4.50 -34.08 0.49
N ALA A 52 -3.39 -33.84 1.20
CA ALA A 52 -3.42 -33.52 2.63
C ALA A 52 -4.01 -32.15 2.90
N VAL A 53 -3.92 -31.28 1.91
CA VAL A 53 -4.42 -29.93 2.03
C VAL A 53 -5.96 -29.89 1.95
N TYR A 54 -6.51 -30.64 0.99
CA TYR A 54 -7.93 -30.56 0.63
C TYR A 54 -8.95 -30.65 1.79
N PRO A 55 -8.77 -31.59 2.75
CA PRO A 55 -9.70 -31.64 3.90
C PRO A 55 -9.72 -30.35 4.74
N HIS A 56 -8.61 -29.61 4.75
CA HIS A 56 -8.53 -28.31 5.43
C HIS A 56 -8.91 -27.16 4.49
N TYR A 57 -8.34 -27.15 3.28
CA TYR A 57 -8.60 -26.08 2.31
C TYR A 57 -8.92 -26.66 0.94
N LYS A 58 -10.20 -26.58 0.56
CA LYS A 58 -10.64 -27.22 -0.69
C LYS A 58 -10.21 -26.43 -1.93
N THR A 59 -9.85 -25.17 -1.72
CA THR A 59 -9.40 -24.29 -2.80
C THR A 59 -8.23 -23.46 -2.30
N LYS A 60 -7.39 -22.99 -3.21
CA LYS A 60 -6.40 -22.00 -2.82
C LYS A 60 -7.06 -20.73 -2.21
N GLU A 61 -8.17 -20.28 -2.79
CA GLU A 61 -8.90 -19.10 -2.29
C GLU A 61 -9.34 -19.23 -0.82
N SER A 62 -9.77 -20.42 -0.42
CA SER A 62 -10.20 -20.64 0.98
C SER A 62 -9.03 -20.53 1.96
N LEU A 63 -7.84 -20.86 1.50
CA LEU A 63 -6.61 -20.73 2.29
C LEU A 63 -6.22 -19.25 2.39
N LEU A 64 -6.28 -18.54 1.27
CA LEU A 64 -6.12 -17.08 1.27
C LEU A 64 -7.09 -16.45 2.23
N TYR A 65 -8.35 -16.87 2.16
CA TYR A 65 -9.36 -16.34 3.05
C TYR A 65 -9.06 -16.60 4.52
N ALA A 66 -8.70 -17.83 4.88
CA ALA A 66 -8.36 -18.13 6.27
C ALA A 66 -7.13 -17.33 6.74
N ILE A 67 -6.17 -17.10 5.85
CA ILE A 67 -4.99 -16.31 6.22
C ILE A 67 -5.38 -14.83 6.47
N SER A 68 -6.12 -14.24 5.52
CA SER A 68 -6.59 -12.87 5.66
C SER A 68 -7.41 -12.67 6.95
N LEU A 69 -8.32 -13.61 7.22
CA LEU A 69 -9.22 -13.60 8.37
C LEU A 69 -8.44 -13.63 9.69
N GLU A 70 -7.46 -14.51 9.76
CA GLU A 70 -6.59 -14.59 10.92
C GLU A 70 -5.84 -13.27 11.11
N GLY A 71 -5.21 -12.77 10.04
CA GLY A 71 -4.40 -11.56 10.15
C GLY A 71 -5.23 -10.35 10.54
N HIS A 72 -6.41 -10.23 9.93
CA HIS A 72 -7.32 -9.14 10.28
C HIS A 72 -7.87 -9.20 11.70
N HIS A 73 -8.15 -10.40 12.23
CA HIS A 73 -8.67 -10.52 13.60
C HIS A 73 -7.57 -10.14 14.59
N SER A 74 -6.33 -10.51 14.21
CA SER A 74 -5.15 -10.30 15.03
C SER A 74 -4.81 -8.82 15.22
N VAL A 75 -4.81 -8.08 14.12
CA VAL A 75 -4.52 -6.63 14.18
C VAL A 75 -5.65 -5.87 14.89
N LEU A 76 -6.89 -6.29 14.69
CA LEU A 76 -8.00 -5.69 15.42
C LEU A 76 -7.88 -5.97 16.93
N ALA A 77 -7.60 -7.23 17.29
CA ALA A 77 -7.36 -7.60 18.69
C ALA A 77 -6.23 -6.77 19.30
N ALA A 78 -5.18 -6.57 18.50
CA ALA A 78 -4.01 -5.81 18.94
C ALA A 78 -4.34 -4.34 19.28
N ILE A 79 -5.05 -3.66 18.38
CA ILE A 79 -5.35 -2.25 18.60
C ILE A 79 -6.49 -2.06 19.60
N THR A 80 -7.39 -3.04 19.65
CA THR A 80 -8.43 -3.05 20.68
C THR A 80 -7.80 -3.18 22.05
N ALA A 81 -6.89 -4.14 22.23
CA ALA A 81 -6.21 -4.27 23.51
C ALA A 81 -5.41 -3.00 23.86
N ALA A 82 -5.08 -2.20 22.85
CA ALA A 82 -4.33 -0.95 23.06
C ALA A 82 -5.20 0.30 23.23
N ASP A 83 -6.52 0.12 23.18
CA ASP A 83 -7.42 1.23 23.36
C ASP A 83 -8.01 1.21 24.78
N PHE A 84 -8.13 2.38 25.38
CA PHE A 84 -8.67 2.52 26.73
C PHE A 84 -9.72 3.61 26.77
N PRO A 85 -10.99 3.22 26.58
CA PRO A 85 -12.11 4.16 26.37
C PRO A 85 -12.31 5.20 27.47
N ASP A 86 -11.79 4.93 28.66
CA ASP A 86 -11.95 5.85 29.77
C ASP A 86 -10.80 6.84 29.95
N ILE A 87 -9.77 6.77 29.10
CA ILE A 87 -8.65 7.73 29.21
C ILE A 87 -8.74 8.80 28.11
N ALA A 88 -7.95 9.87 28.20
CA ALA A 88 -8.06 10.97 27.23
C ALA A 88 -7.77 10.50 25.78
N ALA A 89 -8.46 11.13 24.84
CA ALA A 89 -8.43 10.68 23.45
C ALA A 89 -7.06 10.73 22.77
N PRO A 90 -6.26 11.81 23.01
CA PRO A 90 -4.92 11.83 22.42
C PRO A 90 -4.07 10.63 22.87
N ASP A 91 -4.18 10.27 24.14
CA ASP A 91 -3.46 9.11 24.66
C ASP A 91 -3.94 7.80 24.02
N ARG A 92 -5.25 7.61 23.89
CA ARG A 92 -5.79 6.49 23.12
C ARG A 92 -5.24 6.45 21.69
N LEU A 93 -5.13 7.60 21.04
CA LEU A 93 -4.63 7.63 19.65
C LEU A 93 -3.20 7.18 19.61
N MET A 94 -2.45 7.57 20.63
CA MET A 94 -1.02 7.31 20.69
C MET A 94 -0.82 5.82 20.92
N SER A 95 -1.54 5.27 21.88
CA SER A 95 -1.46 3.87 22.20
C SER A 95 -1.91 3.00 21.02
N THR A 96 -3.01 3.38 20.37
CA THR A 96 -3.55 2.52 19.29
C THR A 96 -2.73 2.62 18.00
N VAL A 97 -2.24 3.80 17.67
CA VAL A 97 -1.40 3.91 16.47
C VAL A 97 -0.09 3.13 16.66
N THR A 98 0.51 3.26 17.84
CA THR A 98 1.74 2.53 18.17
C THR A 98 1.53 1.02 17.99
N ALA A 99 0.41 0.50 18.51
CA ALA A 99 0.12 -0.93 18.43
C ALA A 99 -0.11 -1.29 16.99
N TYR A 100 -0.82 -0.42 16.27
CA TYR A 100 -1.15 -0.67 14.86
C TYR A 100 0.10 -0.74 13.97
N VAL A 101 1.01 0.19 14.18
CA VAL A 101 2.24 0.26 13.40
C VAL A 101 3.16 -0.92 13.72
N THR A 102 3.31 -1.21 15.01
CA THR A 102 4.18 -2.28 15.47
C THR A 102 3.69 -3.64 14.97
N TRP A 103 2.38 -3.91 15.09
CA TRP A 103 1.82 -5.16 14.56
C TRP A 103 2.23 -5.35 13.09
N HIS A 104 2.05 -4.30 12.30
CA HIS A 104 2.38 -4.36 10.87
C HIS A 104 3.85 -4.60 10.55
N ALA A 105 4.74 -3.98 11.31
CA ALA A 105 6.15 -4.25 11.20
C ALA A 105 6.45 -5.69 11.67
N ASP A 106 5.83 -6.11 12.77
CA ASP A 106 6.05 -7.45 13.35
C ASP A 106 5.44 -8.62 12.55
N ASN A 107 4.42 -8.34 11.75
CA ASN A 107 3.66 -9.40 11.06
C ASN A 107 3.57 -9.21 9.56
N ARG A 108 4.64 -8.68 8.98
CA ARG A 108 4.55 -8.16 7.63
C ARG A 108 4.21 -9.17 6.53
N ALA A 109 4.82 -10.36 6.56
CA ALA A 109 4.50 -11.43 5.60
C ALA A 109 3.01 -11.73 5.62
N SER A 110 2.47 -12.01 6.81
CA SER A 110 1.05 -12.26 6.97
C SER A 110 0.18 -11.08 6.52
N ALA A 111 0.57 -9.86 6.92
CA ALA A 111 -0.16 -8.67 6.49
C ALA A 111 -0.16 -8.46 4.97
N ARG A 112 1.00 -8.68 4.36
CA ARG A 112 1.16 -8.52 2.93
C ARG A 112 0.20 -9.44 2.20
N VAL A 113 0.17 -10.71 2.62
CA VAL A 113 -0.70 -11.70 2.01
C VAL A 113 -2.17 -11.35 2.28
N GLY A 114 -2.50 -11.07 3.53
CA GLY A 114 -3.87 -10.78 3.93
C GLY A 114 -4.44 -9.47 3.41
N GLN A 115 -3.58 -8.58 2.92
CA GLN A 115 -3.99 -7.24 2.56
C GLN A 115 -3.82 -6.90 1.07
N TYR A 116 -2.87 -7.56 0.40
CA TYR A 116 -2.51 -7.21 -0.98
C TYR A 116 -3.12 -8.09 -2.06
N GLU A 117 -3.94 -9.04 -1.63
CA GLU A 117 -4.57 -9.99 -2.54
C GLU A 117 -6.09 -10.01 -2.37
N LEU A 118 -6.66 -8.99 -1.75
CA LEU A 118 -8.10 -9.00 -1.47
C LEU A 118 -8.96 -9.20 -2.72
N ARG A 119 -8.44 -8.78 -3.87
CA ARG A 119 -9.15 -8.96 -5.13
C ARG A 119 -9.19 -10.43 -5.56
N SER A 120 -8.42 -11.29 -4.88
CA SER A 120 -8.47 -12.72 -5.17
C SER A 120 -9.52 -13.44 -4.31
N LEU A 121 -10.06 -12.75 -3.30
CA LEU A 121 -11.13 -13.31 -2.48
C LEU A 121 -12.49 -13.37 -3.19
N SER A 122 -13.32 -14.34 -2.82
CA SER A 122 -14.70 -14.38 -3.29
C SER A 122 -15.49 -13.24 -2.64
N PRO A 123 -16.63 -12.84 -3.25
CA PRO A 123 -17.46 -11.75 -2.73
C PRO A 123 -17.87 -11.93 -1.27
N GLU A 124 -18.29 -13.16 -0.94
CA GLU A 124 -18.62 -13.52 0.43
C GLU A 124 -17.43 -13.28 1.32
N HIS A 125 -16.26 -13.77 0.90
CA HIS A 125 -15.10 -13.64 1.76
C HIS A 125 -14.63 -12.20 1.83
N PHE A 126 -14.57 -11.54 0.69
CA PHE A 126 -14.21 -10.13 0.66
C PHE A 126 -15.04 -9.29 1.65
N ALA A 127 -16.35 -9.45 1.64
CA ALA A 127 -17.23 -8.66 2.52
C ALA A 127 -17.06 -9.02 4.01
N ILE A 128 -16.76 -10.29 4.29
CA ILE A 128 -16.45 -10.69 5.65
C ILE A 128 -15.21 -9.93 6.13
N ILE A 129 -14.14 -10.00 5.33
CA ILE A 129 -12.91 -9.26 5.60
C ILE A 129 -13.15 -7.75 5.75
N ALA A 130 -13.93 -7.16 4.84
CA ALA A 130 -14.27 -5.74 4.91
C ALA A 130 -15.05 -5.36 6.18
N ASP A 131 -15.88 -6.27 6.68
CA ASP A 131 -16.50 -6.09 8.00
C ASP A 131 -15.43 -5.91 9.10
N ILE A 132 -14.35 -6.69 9.03
CA ILE A 132 -13.28 -6.61 10.04
C ILE A 132 -12.45 -5.33 9.88
N ARG A 133 -12.17 -4.94 8.63
CA ARG A 133 -11.44 -3.71 8.36
C ARG A 133 -12.21 -2.48 8.82
N ARG A 134 -13.53 -2.49 8.57
CA ARG A 134 -14.42 -1.42 9.05
C ARG A 134 -14.34 -1.34 10.59
N SER A 135 -14.41 -2.49 11.26
CA SER A 135 -14.23 -2.54 12.73
C SER A 135 -12.87 -2.01 13.16
N THR A 136 -11.85 -2.31 12.35
CA THR A 136 -10.52 -1.81 12.60
C THR A 136 -10.48 -0.29 12.49
N THR A 137 -11.00 0.24 11.39
CA THR A 137 -11.06 1.68 11.19
C THR A 137 -11.92 2.35 12.27
N LYS A 138 -13.00 1.67 12.70
CA LYS A 138 -13.86 2.21 13.75
C LYS A 138 -13.10 2.56 15.04
N VAL A 139 -12.17 1.70 15.44
CA VAL A 139 -11.33 1.95 16.62
C VAL A 139 -10.75 3.37 16.53
N PHE A 140 -10.22 3.71 15.37
CA PHE A 140 -9.64 5.03 15.16
C PHE A 140 -10.70 6.13 15.05
N THR A 141 -11.76 5.88 14.30
CA THR A 141 -12.78 6.89 14.18
C THR A 141 -13.46 7.13 15.53
N ARG A 142 -13.78 6.06 16.25
CA ARG A 142 -14.39 6.21 17.59
C ARG A 142 -13.47 7.05 18.47
N ILE A 143 -12.15 6.85 18.39
CA ILE A 143 -11.20 7.68 19.18
C ILE A 143 -11.11 9.14 18.70
N ILE A 144 -11.09 9.33 17.38
CA ILE A 144 -11.07 10.70 16.84
C ILE A 144 -12.36 11.42 17.20
N GLU A 145 -13.47 10.69 17.19
CA GLU A 145 -14.79 11.26 17.55
C GLU A 145 -14.78 11.71 19.00
N ALA A 146 -14.31 10.84 19.90
CA ALA A 146 -14.22 11.17 21.33
C ALA A 146 -13.33 12.38 21.59
N GLY A 147 -12.25 12.48 20.81
CA GLY A 147 -11.31 13.61 20.89
C GLY A 147 -11.88 14.92 20.41
N ALA A 148 -12.62 14.88 19.29
CA ALA A 148 -13.28 16.07 18.77
C ALA A 148 -14.37 16.52 19.74
N THR A 149 -15.19 15.58 20.20
CA THR A 149 -16.34 15.88 21.07
C THR A 149 -15.91 16.27 22.49
N ALA A 150 -14.64 16.06 22.81
CA ALA A 150 -14.05 16.55 24.06
C ALA A 150 -13.16 17.80 23.87
N GLY A 151 -12.95 18.24 22.64
CA GLY A 151 -12.14 19.45 22.35
C GLY A 151 -10.64 19.25 22.10
N ASP A 152 -10.14 18.04 22.25
CA ASP A 152 -8.73 17.71 21.98
C ASP A 152 -8.34 17.81 20.51
N PHE A 153 -9.26 17.41 19.63
CA PHE A 153 -8.97 17.31 18.20
C PHE A 153 -9.88 18.24 17.45
N HIS A 154 -9.39 18.75 16.33
CA HIS A 154 -10.24 19.49 15.42
C HIS A 154 -10.12 18.95 14.00
N PRO A 155 -10.66 17.73 13.76
CA PRO A 155 -10.50 17.08 12.46
C PRO A 155 -11.31 17.74 11.34
N PHE A 156 -10.75 17.76 10.14
CA PHE A 156 -11.47 18.17 8.93
C PHE A 156 -12.52 17.09 8.63
N ASP A 157 -12.08 15.83 8.63
CA ASP A 157 -12.93 14.75 8.13
C ASP A 157 -12.51 13.50 8.85
N ILE A 158 -13.37 13.02 9.73
CA ILE A 158 -13.02 11.91 10.62
C ILE A 158 -12.78 10.62 9.85
N GLU A 159 -13.67 10.28 8.92
CA GLU A 159 -13.48 9.07 8.12
C GLU A 159 -12.16 9.13 7.32
N ALA A 160 -11.86 10.32 6.78
CA ALA A 160 -10.67 10.48 5.95
C ALA A 160 -9.39 10.25 6.77
N ALA A 161 -9.36 10.82 7.97
CA ALA A 161 -8.22 10.67 8.89
C ALA A 161 -8.02 9.21 9.34
N ALA A 162 -9.11 8.54 9.73
CA ALA A 162 -9.05 7.12 10.14
C ALA A 162 -8.59 6.21 8.98
N LEU A 163 -9.10 6.49 7.80
CA LEU A 163 -8.63 5.83 6.59
C LEU A 163 -7.12 6.03 6.40
N ALA A 164 -6.67 7.28 6.43
CA ALA A 164 -5.25 7.54 6.25
C ALA A 164 -4.41 6.84 7.34
N ILE A 165 -4.83 6.87 8.58
CA ILE A 165 -4.09 6.14 9.61
C ILE A 165 -4.02 4.64 9.27
N THR A 166 -5.17 4.03 9.00
CA THR A 166 -5.20 2.61 8.67
CA THR A 166 -5.27 2.62 8.61
C THR A 166 -4.32 2.28 7.47
N SER A 167 -4.32 3.15 6.46
CA SER A 167 -3.57 2.90 5.26
C SER A 167 -2.06 3.02 5.51
N LEU A 168 -1.67 4.00 6.32
CA LEU A 168 -0.26 4.14 6.70
C LEU A 168 0.27 2.89 7.39
N GLY A 169 -0.51 2.36 8.33
CA GLY A 169 -0.11 1.19 9.06
C GLY A 169 0.02 -0.02 8.15
N ILE A 170 -0.95 -0.21 7.26
CA ILE A 170 -0.95 -1.36 6.38
C ILE A 170 0.29 -1.27 5.49
N ASP A 171 0.57 -0.07 4.98
CA ASP A 171 1.66 0.10 4.02
C ASP A 171 3.05 -0.18 4.60
N VAL A 172 3.17 -0.04 5.92
CA VAL A 172 4.39 -0.45 6.63
C VAL A 172 4.82 -1.88 6.25
N SER A 173 3.85 -2.77 6.12
CA SER A 173 4.14 -4.16 5.80
CA SER A 173 4.13 -4.16 5.80
C SER A 173 4.79 -4.30 4.42
N ARG A 174 4.51 -3.35 3.53
CA ARG A 174 5.15 -3.33 2.22
C ARG A 174 6.63 -2.90 2.32
N TRP A 175 6.91 -1.76 2.94
CA TRP A 175 8.26 -1.16 2.87
C TRP A 175 9.24 -1.46 4.02
N PHE A 176 8.74 -1.88 5.16
CA PHE A 176 9.59 -2.06 6.36
C PHE A 176 10.41 -3.36 6.30
N PRO A 177 11.70 -3.33 6.66
CA PRO A 177 12.54 -2.18 7.06
C PRO A 177 13.13 -1.45 5.85
N SER A 178 13.31 -0.13 5.97
CA SER A 178 13.87 0.63 4.88
C SER A 178 15.19 1.21 5.36
N HIS A 179 15.86 1.94 4.49
CA HIS A 179 17.06 2.64 4.89
C HIS A 179 16.72 3.60 6.03
N THR A 180 15.55 4.20 5.96
CA THR A 180 15.25 5.25 6.92
C THR A 180 14.67 4.70 8.26
N TYR A 181 13.88 3.63 8.21
CA TYR A 181 13.33 3.03 9.42
C TYR A 181 13.49 1.53 9.45
N SER A 182 14.27 1.03 10.42
CA SER A 182 14.36 -0.41 10.68
C SER A 182 14.02 -0.81 12.11
N ASP A 183 13.60 0.14 12.92
CA ASP A 183 13.13 -0.13 14.29
C ASP A 183 11.63 0.20 14.37
N PRO A 184 10.78 -0.81 14.67
CA PRO A 184 9.34 -0.54 14.64
C PRO A 184 8.91 0.59 15.60
N ARG A 185 9.66 0.79 16.68
CA ARG A 185 9.30 1.76 17.71
C ARG A 185 9.51 3.18 17.18
N ILE A 186 10.53 3.35 16.34
CA ILE A 186 10.84 4.65 15.75
C ILE A 186 9.78 5.07 14.73
N ILE A 187 9.46 4.18 13.80
CA ILE A 187 8.42 4.52 12.83
C ILE A 187 7.07 4.69 13.52
N ALA A 188 6.83 3.92 14.58
CA ALA A 188 5.60 4.12 15.37
C ALA A 188 5.56 5.52 15.95
N ALA A 189 6.65 5.91 16.61
CA ALA A 189 6.76 7.25 17.21
C ALA A 189 6.51 8.35 16.17
N ARG A 190 7.10 8.19 14.98
CA ARG A 190 6.95 9.16 13.88
C ARG A 190 5.52 9.21 13.36
N TYR A 191 4.85 8.07 13.37
CA TYR A 191 3.51 7.99 12.80
C TYR A 191 2.48 8.48 13.82
N VAL A 192 2.78 8.30 15.11
CA VAL A 192 1.97 8.90 16.16
C VAL A 192 1.98 10.43 16.05
N GLU A 193 3.15 11.02 15.85
CA GLU A 193 3.23 12.46 15.62
C GLU A 193 2.35 12.90 14.45
N LEU A 194 2.45 12.18 13.34
CA LEU A 194 1.70 12.55 12.12
C LEU A 194 0.19 12.43 12.30
N ALA A 195 -0.26 11.36 12.97
CA ALA A 195 -1.66 11.12 13.25
C ALA A 195 -2.24 12.20 14.16
N LEU A 196 -1.52 12.55 15.24
CA LEU A 196 -1.95 13.67 16.09
C LEU A 196 -2.10 14.99 15.31
N ARG A 197 -1.13 15.30 14.45
CA ARG A 197 -1.21 16.48 13.58
C ARG A 197 -2.39 16.41 12.64
N MET A 198 -2.62 15.23 12.07
CA MET A 198 -3.68 15.00 11.10
C MET A 198 -5.02 15.46 11.67
N VAL A 199 -5.29 15.11 12.92
CA VAL A 199 -6.60 15.35 13.54
C VAL A 199 -6.71 16.70 14.28
N GLY A 200 -5.63 17.48 14.23
CA GLY A 200 -5.66 18.85 14.74
C GLY A 200 -5.30 18.94 16.20
N CYS A 201 -4.39 18.09 16.65
CA CYS A 201 -3.88 18.20 18.01
C CYS A 201 -2.74 19.24 18.07
N ALA A 202 -2.70 20.02 19.16
CA ALA A 202 -1.59 20.96 19.40
C ALA A 202 -0.29 20.18 19.60
N ASP A 203 0.86 20.83 19.42
CA ASP A 203 2.21 20.18 19.35
C ASP A 203 2.40 19.53 17.99
N LEU B 12 12.14 4.34 -22.77
CA LEU B 12 11.31 3.07 -22.74
C LEU B 12 10.94 2.55 -24.12
N GLY B 13 10.74 3.45 -25.08
CA GLY B 13 10.22 3.08 -26.40
C GLY B 13 8.90 3.79 -26.63
N THR B 14 8.34 3.63 -27.80
CA THR B 14 7.17 4.42 -28.20
C THR B 14 6.15 3.58 -28.97
N SER B 15 6.58 2.38 -29.37
CA SER B 15 5.77 1.46 -30.14
C SER B 15 4.38 1.27 -29.52
N LYS B 16 3.33 1.47 -30.31
CA LYS B 16 1.97 1.14 -29.88
C LYS B 16 1.85 -0.36 -29.76
N ALA B 17 2.62 -1.06 -30.59
CA ALA B 17 2.69 -2.52 -30.53
C ALA B 17 3.24 -3.00 -29.17
N ALA B 18 4.34 -2.38 -28.70
CA ALA B 18 4.88 -2.65 -27.36
C ALA B 18 3.90 -2.19 -26.27
N ALA B 19 3.36 -0.97 -26.43
CA ALA B 19 2.40 -0.42 -25.47
C ALA B 19 1.22 -1.36 -25.28
N ARG B 20 0.77 -1.95 -26.38
CA ARG B 20 -0.35 -2.89 -26.36
C ARG B 20 0.02 -4.18 -25.60
N ILE B 21 1.24 -4.65 -25.79
CA ILE B 21 1.72 -5.85 -25.07
C ILE B 21 1.77 -5.57 -23.56
N ARG B 22 2.28 -4.38 -23.20
CA ARG B 22 2.38 -3.98 -21.79
C ARG B 22 1.01 -3.88 -21.14
N ALA B 23 0.06 -3.22 -21.82
CA ALA B 23 -1.30 -3.14 -21.29
C ALA B 23 -1.87 -4.56 -21.07
N ALA B 24 -1.72 -5.43 -22.06
CA ALA B 24 -2.25 -6.80 -21.92
C ALA B 24 -1.52 -7.55 -20.81
N ALA B 25 -0.21 -7.36 -20.71
CA ALA B 25 0.57 -8.03 -19.67
C ALA B 25 0.10 -7.56 -18.27
N ILE B 26 -0.23 -6.28 -18.13
CA ILE B 26 -0.70 -5.77 -16.85
C ILE B 26 -1.96 -6.51 -16.42
N GLU B 27 -2.94 -6.57 -17.33
CA GLU B 27 -4.17 -7.31 -17.08
C GLU B 27 -3.86 -8.78 -16.72
N VAL B 28 -3.01 -9.44 -17.50
CA VAL B 28 -2.69 -10.85 -17.27
C VAL B 28 -1.90 -11.02 -15.97
N PHE B 29 -0.91 -10.14 -15.76
CA PHE B 29 -0.13 -10.18 -14.52
C PHE B 29 -1.05 -10.00 -13.31
N ALA B 30 -1.99 -9.06 -13.41
CA ALA B 30 -3.00 -8.87 -12.36
C ALA B 30 -3.95 -10.06 -12.18
N ALA B 31 -4.27 -10.78 -13.27
CA ALA B 31 -5.20 -11.92 -13.21
C ALA B 31 -4.59 -13.27 -12.75
N LYS B 32 -3.47 -13.66 -13.35
CA LYS B 32 -2.89 -14.99 -13.13
C LYS B 32 -1.70 -14.99 -12.17
N GLY B 33 -1.27 -13.79 -11.78
CA GLY B 33 -0.02 -13.61 -11.02
C GLY B 33 1.17 -13.61 -11.95
N TYR B 34 2.12 -12.71 -11.71
CA TYR B 34 3.32 -12.58 -12.53
C TYR B 34 4.11 -13.89 -12.72
N GLY B 35 4.35 -14.60 -11.62
CA GLY B 35 5.15 -15.83 -11.64
C GLY B 35 4.50 -16.97 -12.41
N ALA B 36 3.18 -16.95 -12.48
CA ALA B 36 2.43 -18.03 -13.14
C ALA B 36 2.15 -17.76 -14.61
N THR B 37 2.09 -16.49 -14.99
CA THR B 37 1.89 -16.11 -16.39
C THR B 37 3.17 -16.19 -17.22
N THR B 38 3.01 -16.57 -18.48
CA THR B 38 4.09 -16.61 -19.44
C THR B 38 3.76 -15.60 -20.54
N THR B 39 4.78 -15.16 -21.27
CA THR B 39 4.52 -14.32 -22.43
C THR B 39 3.54 -14.99 -23.41
N ARG B 40 3.55 -16.32 -23.48
CA ARG B 40 2.63 -17.08 -24.35
C ARG B 40 1.18 -16.82 -23.99
N GLU B 41 0.88 -16.80 -22.69
CA GLU B 41 -0.45 -16.38 -22.27
C GLU B 41 -0.71 -15.01 -22.90
N ILE B 42 0.24 -14.08 -22.73
CA ILE B 42 0.06 -12.67 -23.14
C ILE B 42 -0.13 -12.45 -24.65
N ALA B 43 0.78 -13.00 -25.47
CA ALA B 43 0.66 -12.89 -26.92
C ALA B 43 -0.62 -13.56 -27.39
N ALA B 44 -1.00 -14.64 -26.73
CA ALA B 44 -2.20 -15.38 -27.08
C ALA B 44 -3.44 -14.57 -26.76
N SER B 45 -3.44 -13.94 -25.61
CA SER B 45 -4.54 -13.09 -25.18
C SER B 45 -4.72 -11.88 -26.13
N LEU B 46 -3.67 -11.54 -26.87
CA LEU B 46 -3.71 -10.49 -27.88
C LEU B 46 -3.91 -11.08 -29.29
N ASP B 47 -4.29 -12.35 -29.35
CA ASP B 47 -4.52 -13.07 -30.60
C ASP B 47 -3.30 -13.12 -31.51
N MET B 48 -2.12 -13.21 -30.92
CA MET B 48 -0.90 -13.30 -31.70
C MET B 48 -0.18 -14.64 -31.50
N SER B 49 0.79 -14.91 -32.37
CA SER B 49 1.72 -16.02 -32.16
C SER B 49 2.63 -15.66 -30.98
N PRO B 50 2.98 -16.66 -30.16
CA PRO B 50 3.84 -16.48 -28.98
C PRO B 50 5.14 -15.71 -29.26
N GLY B 51 5.71 -15.90 -30.44
CA GLY B 51 6.92 -15.18 -30.84
C GLY B 51 6.67 -13.74 -31.23
N ALA B 52 5.42 -13.30 -31.23
CA ALA B 52 5.08 -11.92 -31.64
C ALA B 52 5.49 -10.88 -30.58
N VAL B 53 5.70 -11.35 -29.34
CA VAL B 53 6.16 -10.49 -28.25
C VAL B 53 7.69 -10.40 -28.25
N TYR B 54 8.35 -11.49 -28.63
CA TYR B 54 9.81 -11.61 -28.57
C TYR B 54 10.59 -10.44 -29.19
N PRO B 55 10.12 -9.88 -30.33
CA PRO B 55 10.77 -8.69 -30.90
C PRO B 55 10.81 -7.48 -29.99
N HIS B 56 9.83 -7.39 -29.09
CA HIS B 56 9.66 -6.24 -28.21
C HIS B 56 10.21 -6.55 -26.83
N TYR B 57 9.95 -7.77 -26.36
CA TYR B 57 10.39 -8.21 -25.05
C TYR B 57 10.93 -9.63 -25.16
N LYS B 58 12.24 -9.77 -25.03
CA LYS B 58 12.90 -11.06 -25.20
C LYS B 58 12.67 -11.96 -23.99
N THR B 59 12.41 -11.35 -22.84
CA THR B 59 12.15 -12.09 -21.60
C THR B 59 10.93 -11.51 -20.89
N LYS B 60 10.31 -12.33 -20.04
CA LYS B 60 9.25 -11.87 -19.15
C LYS B 60 9.73 -10.68 -18.32
N GLU B 61 10.95 -10.79 -17.79
CA GLU B 61 11.48 -9.80 -16.86
C GLU B 61 11.66 -8.46 -17.55
N SER B 62 12.00 -8.51 -18.84
CA SER B 62 12.19 -7.30 -19.64
CA SER B 62 12.19 -7.32 -19.64
C SER B 62 10.87 -6.57 -19.74
N LEU B 63 9.79 -7.34 -19.82
CA LEU B 63 8.45 -6.79 -19.99
C LEU B 63 7.95 -6.19 -18.67
N LEU B 64 8.24 -6.87 -17.56
CA LEU B 64 7.94 -6.34 -16.24
C LEU B 64 8.69 -5.02 -15.99
N TYR B 65 9.99 -5.01 -16.33
CA TYR B 65 10.81 -3.83 -16.20
C TYR B 65 10.24 -2.69 -17.01
N ALA B 66 9.86 -2.95 -18.27
CA ALA B 66 9.21 -1.91 -19.07
C ALA B 66 7.96 -1.36 -18.36
N ILE B 67 7.11 -2.24 -17.87
CA ILE B 67 5.89 -1.82 -17.16
C ILE B 67 6.26 -0.95 -15.94
N SER B 68 7.23 -1.40 -15.16
CA SER B 68 7.57 -0.75 -13.92
C SER B 68 8.26 0.62 -14.17
N LEU B 69 9.12 0.66 -15.16
CA LEU B 69 9.78 1.90 -15.57
C LEU B 69 8.75 2.93 -16.02
N GLU B 70 7.86 2.48 -16.91
CA GLU B 70 6.82 3.33 -17.48
C GLU B 70 6.05 3.95 -16.33
N GLY B 71 5.56 3.10 -15.43
CA GLY B 71 4.76 3.51 -14.27
C GLY B 71 5.50 4.45 -13.34
N HIS B 72 6.72 4.08 -12.96
CA HIS B 72 7.55 4.92 -12.08
C HIS B 72 7.88 6.29 -12.70
N HIS B 73 8.31 6.30 -13.95
CA HIS B 73 8.58 7.56 -14.66
C HIS B 73 7.31 8.40 -14.81
N SER B 74 6.20 7.75 -15.13
CA SER B 74 4.95 8.47 -15.30
C SER B 74 4.50 9.22 -14.04
N VAL B 75 4.52 8.55 -12.89
CA VAL B 75 4.08 9.23 -11.66
C VAL B 75 5.09 10.35 -11.28
N LEU B 76 6.39 10.09 -11.47
CA LEU B 76 7.41 11.12 -11.29
C LEU B 76 7.15 12.33 -12.22
N ALA B 77 6.93 12.07 -13.50
CA ALA B 77 6.63 13.12 -14.47
C ALA B 77 5.38 13.89 -14.05
N ALA B 78 4.39 13.17 -13.54
CA ALA B 78 3.11 13.77 -13.09
C ALA B 78 3.27 14.80 -11.98
N ILE B 79 3.91 14.40 -10.89
CA ILE B 79 4.08 15.31 -9.76
C ILE B 79 5.10 16.41 -10.04
N THR B 80 6.09 16.10 -10.88
CA THR B 80 7.08 17.10 -11.26
C THR B 80 6.41 18.21 -12.07
N ALA B 81 5.67 17.85 -13.09
CA ALA B 81 4.80 18.81 -13.81
C ALA B 81 3.80 19.52 -12.87
N ALA B 82 3.42 18.87 -11.77
CA ALA B 82 2.49 19.51 -10.84
C ALA B 82 3.19 20.48 -9.86
N ASP B 83 4.52 20.45 -9.79
CA ASP B 83 5.24 21.34 -8.88
C ASP B 83 5.66 22.64 -9.57
N PHE B 84 5.49 23.77 -8.87
CA PHE B 84 5.76 25.07 -9.45
C PHE B 84 6.56 25.85 -8.43
N PRO B 85 7.89 25.86 -8.61
CA PRO B 85 8.73 26.49 -7.60
C PRO B 85 8.52 28.01 -7.46
N ASP B 86 7.71 28.58 -8.34
CA ASP B 86 7.38 30.00 -8.24
C ASP B 86 6.08 30.29 -7.46
N ILE B 87 5.51 29.29 -6.79
CA ILE B 87 4.37 29.56 -5.91
C ILE B 87 4.67 29.16 -4.47
N ALA B 88 3.83 29.60 -3.54
CA ALA B 88 4.01 29.27 -2.13
C ALA B 88 4.01 27.75 -1.89
N ALA B 89 4.86 27.31 -0.96
CA ALA B 89 5.00 25.92 -0.60
C ALA B 89 3.67 25.18 -0.32
N PRO B 90 2.73 25.80 0.44
CA PRO B 90 1.49 25.04 0.69
C PRO B 90 0.72 24.70 -0.59
N ASP B 91 0.73 25.62 -1.56
CA ASP B 91 0.07 25.45 -2.87
C ASP B 91 0.79 24.39 -3.70
N ARG B 92 2.12 24.37 -3.61
CA ARG B 92 2.96 23.33 -4.23
C ARG B 92 2.60 21.94 -3.67
N LEU B 93 2.40 21.87 -2.37
CA LEU B 93 2.03 20.62 -1.71
C LEU B 93 0.62 20.17 -2.08
N MET B 94 -0.35 21.09 -2.09
CA MET B 94 -1.67 20.75 -2.57
C MET B 94 -1.59 20.16 -3.98
N SER B 95 -0.77 20.76 -4.84
CA SER B 95 -0.77 20.44 -6.26
C SER B 95 -0.15 19.07 -6.53
N THR B 96 1.00 18.85 -5.90
CA THR B 96 1.72 17.61 -6.11
C THR B 96 1.00 16.44 -5.43
N VAL B 97 0.45 16.66 -4.22
CA VAL B 97 -0.36 15.62 -3.54
C VAL B 97 -1.59 15.25 -4.39
N THR B 98 -2.33 16.26 -4.85
CA THR B 98 -3.43 16.02 -5.79
C THR B 98 -3.02 15.15 -7.01
N ALA B 99 -1.99 15.57 -7.73
CA ALA B 99 -1.48 14.80 -8.89
C ALA B 99 -1.01 13.41 -8.48
N TYR B 100 -0.32 13.32 -7.36
CA TYR B 100 0.19 12.04 -6.90
C TYR B 100 -0.93 11.06 -6.59
N VAL B 101 -1.90 11.48 -5.77
CA VAL B 101 -3.03 10.61 -5.40
C VAL B 101 -3.89 10.23 -6.63
N THR B 102 -4.25 11.23 -7.44
CA THR B 102 -5.00 11.02 -8.69
C THR B 102 -4.30 9.99 -9.58
N TRP B 103 -2.98 10.14 -9.77
CA TRP B 103 -2.23 9.20 -10.59
C TRP B 103 -2.39 7.79 -10.07
N HIS B 104 -2.26 7.64 -8.77
CA HIS B 104 -2.33 6.34 -8.15
C HIS B 104 -3.71 5.67 -8.19
N ALA B 105 -4.78 6.47 -8.17
CA ALA B 105 -6.14 5.96 -8.40
C ALA B 105 -6.35 5.57 -9.88
N ASP B 106 -6.12 6.49 -10.81
CA ASP B 106 -6.24 6.19 -12.25
C ASP B 106 -5.34 5.08 -12.78
N ASN B 107 -4.10 5.00 -12.30
CA ASN B 107 -3.18 4.00 -12.86
C ASN B 107 -2.89 2.84 -11.94
N ARG B 108 -3.87 2.51 -11.09
CA ARG B 108 -3.68 1.53 -10.02
C ARG B 108 -3.23 0.14 -10.49
N ALA B 109 -3.74 -0.31 -11.64
CA ALA B 109 -3.45 -1.67 -12.15
C ALA B 109 -2.01 -1.73 -12.58
N SER B 110 -1.60 -0.76 -13.39
CA SER B 110 -0.19 -0.62 -13.71
C SER B 110 0.64 -0.40 -12.46
N ALA B 111 0.16 0.42 -11.52
CA ALA B 111 0.93 0.71 -10.29
C ALA B 111 1.18 -0.56 -9.49
N ARG B 112 0.15 -1.38 -9.30
CA ARG B 112 0.30 -2.63 -8.58
C ARG B 112 1.37 -3.56 -9.19
N VAL B 113 1.35 -3.73 -10.51
CA VAL B 113 2.29 -4.61 -11.19
C VAL B 113 3.71 -4.08 -11.03
N GLY B 114 3.87 -2.77 -11.25
CA GLY B 114 5.12 -2.08 -11.01
C GLY B 114 5.65 -2.20 -9.60
N GLN B 115 4.77 -2.05 -8.60
CA GLN B 115 5.21 -2.05 -7.21
C GLN B 115 5.43 -3.45 -6.61
N TYR B 116 4.53 -4.39 -6.89
CA TYR B 116 4.47 -5.62 -6.10
C TYR B 116 5.42 -6.69 -6.61
N GLU B 117 5.91 -6.55 -7.84
CA GLU B 117 6.82 -7.54 -8.41
C GLU B 117 8.28 -7.05 -8.54
N LEU B 118 8.70 -6.10 -7.70
CA LEU B 118 10.06 -5.56 -7.73
C LEU B 118 11.13 -6.60 -7.47
N ARG B 119 10.76 -7.59 -6.65
CA ARG B 119 11.60 -8.74 -6.32
C ARG B 119 11.97 -9.53 -7.56
N SER B 120 11.20 -9.37 -8.64
CA SER B 120 11.44 -10.11 -9.87
C SER B 120 12.36 -9.38 -10.85
N LEU B 121 12.74 -8.14 -10.53
CA LEU B 121 13.55 -7.35 -11.45
C LEU B 121 15.01 -7.77 -11.36
N SER B 122 15.69 -7.80 -12.50
CA SER B 122 17.15 -7.96 -12.51
C SER B 122 17.81 -6.88 -11.63
N PRO B 123 19.08 -7.11 -11.22
CA PRO B 123 19.82 -6.13 -10.43
C PRO B 123 19.90 -4.75 -11.08
N GLU B 124 20.27 -4.68 -12.36
CA GLU B 124 20.39 -3.39 -13.05
C GLU B 124 19.03 -2.70 -13.10
N HIS B 125 17.98 -3.47 -13.35
CA HIS B 125 16.64 -2.92 -13.46
C HIS B 125 16.13 -2.47 -12.10
N PHE B 126 16.40 -3.28 -11.07
CA PHE B 126 16.03 -2.86 -9.71
C PHE B 126 16.69 -1.54 -9.30
N ALA B 127 17.99 -1.38 -9.58
CA ALA B 127 18.70 -0.14 -9.20
C ALA B 127 18.11 1.08 -9.92
N ILE B 128 17.63 0.92 -11.15
CA ILE B 128 17.07 2.06 -11.89
C ILE B 128 15.72 2.47 -11.31
N ILE B 129 14.89 1.48 -10.99
CA ILE B 129 13.57 1.73 -10.43
C ILE B 129 13.70 2.39 -9.05
N ALA B 130 14.60 1.88 -8.22
CA ALA B 130 14.78 2.41 -6.86
C ALA B 130 15.20 3.86 -6.96
N ASP B 131 16.06 4.16 -7.93
CA ASP B 131 16.48 5.54 -8.14
C ASP B 131 15.31 6.46 -8.49
N ILE B 132 14.42 6.00 -9.36
CA ILE B 132 13.21 6.78 -9.69
C ILE B 132 12.28 6.96 -8.47
N ARG B 133 12.17 5.92 -7.65
CA ARG B 133 11.42 6.02 -6.41
C ARG B 133 12.02 7.03 -5.46
N ARG B 134 13.34 7.04 -5.32
CA ARG B 134 14.00 8.05 -4.48
C ARG B 134 13.67 9.47 -4.99
N SER B 135 13.71 9.66 -6.31
CA SER B 135 13.41 10.98 -6.90
C SER B 135 11.99 11.43 -6.65
N THR B 136 11.05 10.48 -6.67
CA THR B 136 9.64 10.73 -6.41
C THR B 136 9.46 11.29 -4.99
N THR B 137 10.11 10.65 -4.02
CA THR B 137 10.01 11.12 -2.64
C THR B 137 10.63 12.50 -2.51
N LYS B 138 11.76 12.72 -3.18
CA LYS B 138 12.49 13.98 -3.07
C LYS B 138 11.67 15.21 -3.54
N VAL B 139 10.70 14.98 -4.44
CA VAL B 139 9.80 16.05 -4.90
C VAL B 139 9.03 16.58 -3.70
N PHE B 140 8.61 15.67 -2.84
CA PHE B 140 7.86 16.08 -1.67
C PHE B 140 8.78 16.68 -0.62
N THR B 141 9.95 16.08 -0.39
CA THR B 141 10.85 16.62 0.62
C THR B 141 11.30 18.05 0.28
N ARG B 142 11.58 18.32 -1.00
CA ARG B 142 11.91 19.67 -1.44
C ARG B 142 10.80 20.68 -1.08
N ILE B 143 9.55 20.32 -1.39
CA ILE B 143 8.42 21.19 -1.11
C ILE B 143 8.31 21.43 0.40
N ILE B 144 8.43 20.36 1.17
CA ILE B 144 8.31 20.45 2.62
C ILE B 144 9.43 21.32 3.20
N GLU B 145 10.64 21.13 2.67
CA GLU B 145 11.78 21.97 3.02
C GLU B 145 11.51 23.43 2.65
N ALA B 146 11.03 23.66 1.44
CA ALA B 146 10.75 25.02 1.00
C ALA B 146 9.84 25.73 2.00
N GLY B 147 8.77 25.06 2.43
CA GLY B 147 7.79 25.64 3.37
C GLY B 147 8.35 25.89 4.76
N ALA B 148 9.27 25.01 5.18
CA ALA B 148 9.93 25.19 6.44
C ALA B 148 10.78 26.45 6.37
N THR B 149 11.52 26.62 5.28
CA THR B 149 12.37 27.80 5.06
CA THR B 149 12.37 27.77 5.05
C THR B 149 11.57 29.08 5.10
N ALA B 150 10.34 29.03 4.60
CA ALA B 150 9.46 30.20 4.52
C ALA B 150 8.58 30.42 5.76
N GLY B 151 8.66 29.51 6.73
CA GLY B 151 7.87 29.58 7.95
C GLY B 151 6.42 29.16 7.71
N ASP B 152 6.12 28.63 6.52
CA ASP B 152 4.79 28.09 6.22
C ASP B 152 4.54 26.74 6.91
N PHE B 153 5.60 25.94 7.04
CA PHE B 153 5.46 24.58 7.56
C PHE B 153 6.23 24.46 8.85
N HIS B 154 5.81 23.55 9.71
CA HIS B 154 6.52 23.25 10.96
C HIS B 154 6.53 21.74 11.19
N PRO B 155 7.20 21.01 10.30
CA PRO B 155 7.20 19.54 10.33
C PRO B 155 7.92 19.05 11.55
N PHE B 156 7.43 17.95 12.13
CA PHE B 156 8.20 17.25 13.14
C PHE B 156 9.47 16.74 12.49
N ASP B 157 9.29 16.08 11.35
CA ASP B 157 10.36 15.34 10.73
C ASP B 157 10.09 15.34 9.24
N ILE B 158 10.95 15.99 8.48
CA ILE B 158 10.70 16.16 7.05
C ILE B 158 10.65 14.82 6.32
N GLU B 159 11.63 13.95 6.57
CA GLU B 159 11.68 12.65 5.91
C GLU B 159 10.47 11.79 6.28
N ALA B 160 10.06 11.79 7.56
CA ALA B 160 8.83 11.08 7.97
C ALA B 160 7.59 11.59 7.24
N ALA B 161 7.49 12.92 7.08
CA ALA B 161 6.36 13.53 6.37
C ALA B 161 6.32 13.14 4.88
N ALA B 162 7.47 13.20 4.22
CA ALA B 162 7.56 12.78 2.82
C ALA B 162 7.25 11.29 2.66
N LEU B 163 7.82 10.43 3.51
CA LEU B 163 7.45 9.00 3.54
C LEU B 163 5.95 8.82 3.68
N ALA B 164 5.35 9.46 4.69
CA ALA B 164 3.93 9.24 4.92
C ALA B 164 3.09 9.60 3.69
N ILE B 165 3.43 10.72 3.05
CA ILE B 165 2.70 11.15 1.88
C ILE B 165 2.88 10.17 0.70
N THR B 166 4.11 9.72 0.50
CA THR B 166 4.38 8.83 -0.62
C THR B 166 3.70 7.49 -0.34
N SER B 167 3.74 7.09 0.94
CA SER B 167 3.08 5.86 1.37
C SER B 167 1.54 5.88 1.13
N LEU B 168 0.89 7.01 1.49
CA LEU B 168 -0.56 7.16 1.24
C LEU B 168 -0.96 7.06 -0.23
N GLY B 169 -0.23 7.75 -1.10
CA GLY B 169 -0.49 7.71 -2.55
C GLY B 169 -0.33 6.29 -3.10
N ILE B 170 0.79 5.64 -2.78
CA ILE B 170 1.04 4.30 -3.24
C ILE B 170 -0.02 3.31 -2.76
N ASP B 171 -0.51 3.47 -1.52
CA ASP B 171 -1.49 2.52 -1.01
C ASP B 171 -2.88 2.70 -1.63
N VAL B 172 -3.16 3.90 -2.11
CA VAL B 172 -4.38 4.15 -2.89
C VAL B 172 -4.48 3.11 -4.01
N SER B 173 -3.36 2.72 -4.61
CA SER B 173 -3.42 1.77 -5.74
C SER B 173 -3.89 0.38 -5.28
N ARG B 174 -3.75 0.11 -3.99
CA ARG B 174 -4.20 -1.16 -3.40
C ARG B 174 -5.71 -1.15 -3.17
N TRP B 175 -6.22 -0.14 -2.47
CA TRP B 175 -7.61 -0.20 -1.97
C TRP B 175 -8.64 0.47 -2.86
N PHE B 176 -8.19 1.35 -3.75
CA PHE B 176 -9.13 2.14 -4.54
C PHE B 176 -9.68 1.31 -5.71
N PRO B 177 -10.97 1.51 -6.06
CA PRO B 177 -12.00 2.34 -5.41
C PRO B 177 -12.68 1.65 -4.23
N SER B 178 -13.14 2.45 -3.25
CA SER B 178 -13.92 1.95 -2.13
C SER B 178 -15.35 2.48 -2.28
N HIS B 179 -16.24 2.06 -1.40
CA HIS B 179 -17.60 2.62 -1.42
C HIS B 179 -17.61 4.12 -1.15
N THR B 180 -16.78 4.56 -0.21
CA THR B 180 -16.64 6.00 0.03
C THR B 180 -15.86 6.70 -1.06
N TYR B 181 -14.75 6.12 -1.49
CA TYR B 181 -13.93 6.83 -2.41
C TYR B 181 -13.79 6.10 -3.72
N SER B 182 -14.57 6.55 -4.70
CA SER B 182 -14.54 5.98 -6.03
C SER B 182 -14.24 7.11 -7.06
N ASP B 183 -14.16 8.34 -6.56
CA ASP B 183 -13.81 9.49 -7.36
C ASP B 183 -12.42 9.97 -6.92
N PRO B 184 -11.39 9.85 -7.80
CA PRO B 184 -10.03 10.31 -7.48
C PRO B 184 -9.96 11.74 -6.88
N ARG B 185 -10.83 12.62 -7.38
CA ARG B 185 -10.78 14.02 -6.97
C ARG B 185 -11.12 14.16 -5.49
N ILE B 186 -12.09 13.37 -5.01
CA ILE B 186 -12.49 13.41 -3.60
C ILE B 186 -11.36 12.87 -2.68
N ILE B 187 -10.79 11.72 -3.02
CA ILE B 187 -9.73 11.21 -2.18
C ILE B 187 -8.51 12.15 -2.15
N ALA B 188 -8.14 12.71 -3.31
CA ALA B 188 -7.01 13.63 -3.34
C ALA B 188 -7.28 14.83 -2.43
N ALA B 189 -8.51 15.35 -2.48
CA ALA B 189 -8.85 16.53 -1.69
C ALA B 189 -8.71 16.24 -0.21
N ARG B 190 -9.21 15.08 0.20
CA ARG B 190 -9.06 14.63 1.58
C ARG B 190 -7.60 14.48 2.02
N TYR B 191 -6.78 13.95 1.12
CA TYR B 191 -5.39 13.68 1.43
C TYR B 191 -4.59 14.96 1.38
N VAL B 192 -5.00 15.89 0.54
CA VAL B 192 -4.40 17.24 0.58
C VAL B 192 -4.58 17.89 1.96
N GLU B 193 -5.79 17.85 2.51
CA GLU B 193 -6.06 18.44 3.84
C GLU B 193 -5.16 17.81 4.91
N LEU B 194 -4.99 16.50 4.81
CA LEU B 194 -4.21 15.76 5.81
C LEU B 194 -2.70 16.02 5.69
N ALA B 195 -2.20 16.08 4.45
CA ALA B 195 -0.80 16.45 4.19
C ALA B 195 -0.44 17.84 4.74
N LEU B 196 -1.32 18.81 4.51
CA LEU B 196 -1.06 20.15 5.06
C LEU B 196 -1.02 20.09 6.57
N ARG B 197 -1.93 19.33 7.17
CA ARG B 197 -1.97 19.19 8.62
C ARG B 197 -0.72 18.49 9.17
N MET B 198 -0.29 17.46 8.45
CA MET B 198 0.90 16.69 8.79
C MET B 198 2.13 17.59 8.86
N VAL B 199 2.29 18.50 7.89
CA VAL B 199 3.49 19.33 7.89
C VAL B 199 3.31 20.60 8.71
N GLY B 200 2.18 20.65 9.43
CA GLY B 200 1.89 21.71 10.39
C GLY B 200 1.63 23.06 9.74
N CYS B 201 1.10 23.03 8.52
CA CYS B 201 0.59 24.26 7.85
C CYS B 201 -0.74 24.71 8.46
N ALA B 202 -0.98 26.03 8.48
CA ALA B 202 -2.28 26.58 8.89
C ALA B 202 -3.41 26.11 7.94
N ASP B 203 -4.64 26.06 8.44
CA ASP B 203 -5.79 25.55 7.68
C ASP B 203 -6.31 26.56 6.66
#